data_7V6M
#
_entry.id   7V6M
#
_cell.length_a   55.205
_cell.length_b   71.782
_cell.length_c   161.488
_cell.angle_alpha   90.00
_cell.angle_beta   90.00
_cell.angle_gamma   90.00
#
_symmetry.space_group_name_H-M   'P 2 21 21'
#
loop_
_entity.id
_entity.type
_entity.pdbx_description
1 polymer 'Fibronectin type III domain-containing protein'
2 branched beta-D-galactopyranose-(1-3)-2-acetamido-2-deoxy-beta-D-glucopyranose
3 water water
#
_entity_poly.entity_id   1
_entity_poly.type   'polypeptide(L)'
_entity_poly.pdbx_seq_one_letter_code
;MEKETTQGTTYYVSSSKGDDSNDGTSESKPFKTLEKINKLTLKPGDQVLLEKGSVFNDQYLHLKGSGSAEAPIKVSTYGE
GNRPQILTNGQGLWELNYGKHLDNTNHKWHGTVSSSILLKDVEYIEIEGLEITNDRGTKNDPEGDKAYNDADCMDRTGVA
GVAKDKGTLDHIVLDDLYIHDVDGNVYNKHMTNGGIYFIVEKPTDENKTGIAKYDDVQIKNCQLDTVNRWGIAVGYTYNW
DKFQTAELSDEVMEKYGATNVVIENNYLNNVGGDAITTMYADEPLIQYNVSENSSKQINKTDYSKPQPVLDKVTGEPTGQ
YQGVGAGRVAAGIWPWKCKNAVFQYNECFRTLNASNGNGDGQPWDADYGDGTNYQYNYSHGNTASTIMFCGYQSVNNTFR
YNISQNEDMGPLDPAGNAGNTQVYNNTFYIKEGLNNIWHTSHGNAGPINLENNIFYFAGETPATVENWNPNGNKTYSNNL
FYNVSTYPEDANAVKVDAGTKVTENAGSGPSTVADDKQARRHEDPSAETVFDGYKLVQNSPAINAGKIIVDNNGYKVEKD
FFGNKVSGIPDIGAHEAAALEHHHHHH
;
_entity_poly.pdbx_strand_id   A
#
# COMPACT_ATOMS: atom_id res chain seq x y z
N GLN A 7 -28.04 17.43 -16.23
CA GLN A 7 -28.67 16.08 -16.31
C GLN A 7 -28.60 15.37 -14.95
N GLY A 8 -29.44 14.35 -14.74
CA GLY A 8 -29.45 13.53 -13.53
C GLY A 8 -30.26 14.16 -12.41
N THR A 9 -30.57 13.32 -11.41
CA THR A 9 -31.43 13.61 -10.24
C THR A 9 -30.59 13.61 -8.95
N THR A 10 -30.74 14.65 -8.12
CA THR A 10 -30.14 14.74 -6.76
C THR A 10 -31.10 14.12 -5.75
N TYR A 11 -30.63 13.13 -4.98
CA TYR A 11 -31.36 12.51 -3.85
C TYR A 11 -30.75 12.97 -2.52
N TYR A 12 -31.57 13.01 -1.46
CA TYR A 12 -31.17 13.42 -0.09
C TYR A 12 -31.55 12.31 0.88
N VAL A 13 -30.67 12.04 1.84
CA VAL A 13 -30.92 11.00 2.88
C VAL A 13 -30.56 11.64 4.22
N SER A 14 -31.48 11.56 5.19
CA SER A 14 -31.30 12.07 6.57
C SER A 14 -31.77 10.99 7.53
N SER A 15 -30.90 10.42 8.37
CA SER A 15 -31.32 9.46 9.42
C SER A 15 -32.29 10.17 10.39
N SER A 16 -32.03 11.47 10.57
CA SER A 16 -32.72 12.52 11.38
C SER A 16 -34.18 12.78 10.92
N LYS A 17 -34.32 13.30 9.70
CA LYS A 17 -35.51 14.06 9.22
C LYS A 17 -36.29 13.27 8.19
N GLY A 18 -35.75 12.14 7.70
CA GLY A 18 -36.22 11.53 6.45
C GLY A 18 -37.38 10.60 6.69
N ASP A 19 -38.10 10.29 5.64
CA ASP A 19 -39.10 9.19 5.57
C ASP A 19 -38.90 8.52 4.23
N ASP A 20 -38.83 7.19 4.21
CA ASP A 20 -38.62 6.37 3.00
C ASP A 20 -39.87 6.40 2.08
N SER A 21 -41.00 6.94 2.56
CA SER A 21 -42.23 7.14 1.75
C SER A 21 -42.13 8.49 1.01
N ASN A 22 -41.26 9.40 1.44
CA ASN A 22 -40.94 10.60 0.61
C ASN A 22 -40.36 10.12 -0.73
N ASP A 23 -40.28 11.04 -1.68
CA ASP A 23 -39.70 10.84 -3.04
C ASP A 23 -38.18 11.09 -2.98
N GLY A 24 -37.71 11.75 -1.93
CA GLY A 24 -36.27 11.89 -1.62
C GLY A 24 -35.58 12.85 -2.56
N THR A 25 -36.29 13.75 -3.25
CA THR A 25 -35.68 14.64 -4.28
C THR A 25 -35.61 16.09 -3.82
N SER A 26 -35.89 16.39 -2.56
CA SER A 26 -35.59 17.72 -1.96
C SER A 26 -35.08 17.53 -0.53
N GLU A 27 -34.38 18.52 0.01
CA GLU A 27 -34.00 18.59 1.44
C GLU A 27 -35.25 18.51 2.32
N SER A 28 -36.41 19.01 1.86
CA SER A 28 -37.66 19.05 2.67
C SER A 28 -38.23 17.63 2.73
N LYS A 29 -37.98 16.81 1.69
CA LYS A 29 -38.55 15.44 1.60
C LYS A 29 -37.46 14.37 1.44
N PRO A 30 -36.45 14.27 2.33
CA PRO A 30 -35.36 13.31 2.13
C PRO A 30 -35.78 11.89 2.51
N PHE A 31 -35.03 10.90 2.00
CA PHE A 31 -35.14 9.48 2.39
C PHE A 31 -34.62 9.33 3.82
N LYS A 32 -34.99 8.25 4.51
CA LYS A 32 -34.47 7.97 5.87
C LYS A 32 -33.32 6.95 5.84
N THR A 33 -33.42 5.89 5.02
CA THR A 33 -32.46 4.75 5.00
C THR A 33 -31.78 4.62 3.64
N LEU A 34 -30.58 4.05 3.66
CA LEU A 34 -29.72 3.84 2.48
C LEU A 34 -30.36 2.79 1.57
N GLU A 35 -31.23 1.93 2.11
CA GLU A 35 -31.99 0.90 1.34
C GLU A 35 -32.72 1.54 0.14
N LYS A 36 -33.14 2.80 0.27
CA LYS A 36 -33.83 3.60 -0.79
C LYS A 36 -32.87 3.86 -1.96
N ILE A 37 -31.63 4.19 -1.68
CA ILE A 37 -30.57 4.38 -2.72
C ILE A 37 -30.23 3.02 -3.35
N ASN A 38 -30.11 1.96 -2.54
CA ASN A 38 -29.74 0.59 -2.99
C ASN A 38 -30.77 0.07 -4.01
N LYS A 39 -32.02 0.54 -3.93
CA LYS A 39 -33.15 0.12 -4.83
C LYS A 39 -33.02 0.79 -6.20
N LEU A 40 -32.36 1.94 -6.28
CA LEU A 40 -32.28 2.78 -7.50
C LEU A 40 -31.31 2.14 -8.51
N THR A 41 -31.54 2.37 -9.81
CA THR A 41 -30.51 2.24 -10.86
C THR A 41 -30.00 3.65 -11.19
N LEU A 42 -28.82 4.01 -10.68
CA LEU A 42 -28.29 5.40 -10.81
C LEU A 42 -27.78 5.66 -12.23
N LYS A 43 -27.77 6.94 -12.61
CA LYS A 43 -27.60 7.43 -14.00
C LYS A 43 -26.64 8.60 -14.01
N PRO A 44 -26.08 8.94 -15.19
CA PRO A 44 -25.15 10.04 -15.30
C PRO A 44 -25.69 11.33 -14.66
N GLY A 45 -24.83 12.03 -13.93
CA GLY A 45 -25.16 13.29 -13.21
C GLY A 45 -25.93 13.05 -11.91
N ASP A 46 -26.39 11.84 -11.61
CA ASP A 46 -27.10 11.56 -10.34
C ASP A 46 -26.21 11.92 -9.15
N GLN A 47 -26.82 12.40 -8.07
CA GLN A 47 -26.11 12.66 -6.80
C GLN A 47 -26.86 11.97 -5.67
N VAL A 48 -26.10 11.43 -4.74
CA VAL A 48 -26.64 10.88 -3.47
C VAL A 48 -25.97 11.70 -2.37
N LEU A 49 -26.75 12.57 -1.70
CA LEU A 49 -26.24 13.47 -0.65
C LEU A 49 -26.79 12.99 0.71
N LEU A 50 -25.87 12.59 1.59
CA LEU A 50 -26.12 12.10 2.97
C LEU A 50 -26.04 13.31 3.90
N GLU A 51 -27.01 13.49 4.80
CA GLU A 51 -26.99 14.72 5.62
C GLU A 51 -25.85 14.63 6.65
N LYS A 52 -25.04 15.67 6.79
CA LYS A 52 -24.13 15.81 7.96
C LYS A 52 -24.91 15.65 9.27
N GLY A 53 -24.27 15.03 10.25
CA GLY A 53 -24.90 14.62 11.52
C GLY A 53 -25.66 13.32 11.38
N SER A 54 -25.90 12.78 10.18
CA SER A 54 -26.64 11.50 10.04
C SER A 54 -25.79 10.33 10.57
N VAL A 55 -26.47 9.24 10.93
CA VAL A 55 -25.86 7.95 11.37
C VAL A 55 -26.74 6.82 10.80
N PHE A 56 -26.17 6.02 9.91
CA PHE A 56 -26.88 4.92 9.23
C PHE A 56 -26.44 3.61 9.90
N ASN A 57 -27.14 3.24 10.97
CA ASN A 57 -26.75 2.05 11.78
C ASN A 57 -27.24 0.79 11.11
N ASP A 58 -26.39 -0.25 11.07
CA ASP A 58 -26.68 -1.56 10.44
C ASP A 58 -27.06 -1.35 8.96
N GLN A 59 -26.56 -0.30 8.31
CA GLN A 59 -26.92 0.00 6.91
C GLN A 59 -25.65 0.00 6.05
N TYR A 60 -25.84 0.12 4.73
CA TYR A 60 -24.78 -0.05 3.69
C TYR A 60 -25.22 0.53 2.33
N LEU A 61 -24.26 0.90 1.48
CA LEU A 61 -24.51 1.37 0.09
C LEU A 61 -24.00 0.30 -0.88
N HIS A 62 -24.92 -0.42 -1.51
CA HIS A 62 -24.67 -1.41 -2.57
C HIS A 62 -25.29 -0.83 -3.85
N LEU A 63 -24.48 -0.12 -4.64
CA LEU A 63 -25.00 0.75 -5.72
C LEU A 63 -25.17 -0.06 -7.00
N LYS A 64 -26.11 0.39 -7.82
CA LYS A 64 -26.39 -0.14 -9.18
C LYS A 64 -26.43 1.06 -10.13
N GLY A 65 -26.01 0.85 -11.38
CA GLY A 65 -26.04 1.86 -12.44
C GLY A 65 -24.63 2.24 -12.84
N SER A 66 -24.45 3.47 -13.33
CA SER A 66 -23.16 3.95 -13.85
C SER A 66 -23.37 5.38 -14.30
N GLY A 67 -22.32 6.19 -14.13
CA GLY A 67 -22.26 7.56 -14.64
C GLY A 67 -21.75 7.54 -16.06
N SER A 68 -21.33 8.69 -16.53
CA SER A 68 -20.68 8.92 -17.84
C SER A 68 -19.43 9.74 -17.56
N ALA A 69 -18.50 9.80 -18.52
CA ALA A 69 -17.20 10.51 -18.37
C ALA A 69 -17.46 11.96 -17.97
N GLU A 70 -18.46 12.63 -18.58
CA GLU A 70 -18.74 14.07 -18.34
C GLU A 70 -19.62 14.25 -17.11
N ALA A 71 -20.47 13.27 -16.74
CA ALA A 71 -21.41 13.41 -15.60
C ALA A 71 -21.33 12.19 -14.72
N PRO A 72 -20.29 12.07 -13.88
CA PRO A 72 -20.19 10.91 -12.99
C PRO A 72 -21.27 10.98 -11.92
N ILE A 73 -21.69 9.83 -11.41
CA ILE A 73 -22.47 9.73 -10.14
C ILE A 73 -21.60 10.36 -9.05
N LYS A 74 -22.18 11.19 -8.18
CA LYS A 74 -21.45 11.71 -7.00
C LYS A 74 -22.20 11.28 -5.75
N VAL A 75 -21.47 10.71 -4.80
CA VAL A 75 -22.00 10.39 -3.46
C VAL A 75 -21.26 11.34 -2.54
N SER A 76 -21.98 12.13 -1.76
CA SER A 76 -21.36 13.23 -1.01
C SER A 76 -22.26 13.62 0.16
N THR A 77 -22.18 14.86 0.63
CA THR A 77 -22.90 15.35 1.83
C THR A 77 -23.77 16.57 1.50
N TYR A 78 -24.69 16.90 2.40
CA TYR A 78 -25.35 18.22 2.47
C TYR A 78 -25.53 18.57 3.94
N GLY A 79 -25.83 19.82 4.27
CA GLY A 79 -26.13 20.24 5.64
C GLY A 79 -24.86 20.53 6.42
N GLU A 80 -24.94 20.49 7.74
CA GLU A 80 -23.82 20.87 8.63
C GLU A 80 -23.80 19.94 9.85
N GLY A 81 -22.60 19.70 10.39
CA GLY A 81 -22.32 18.78 11.51
C GLY A 81 -21.22 17.78 11.17
N ASN A 82 -21.23 16.64 11.86
CA ASN A 82 -20.25 15.51 11.70
C ASN A 82 -20.36 14.91 10.29
N ARG A 83 -19.27 14.32 9.80
CA ARG A 83 -19.31 13.39 8.64
C ARG A 83 -20.51 12.46 8.82
N PRO A 84 -21.32 12.23 7.78
CA PRO A 84 -22.36 11.22 7.84
C PRO A 84 -21.68 9.86 8.06
N GLN A 85 -22.28 9.01 8.86
CA GLN A 85 -21.64 7.76 9.33
C GLN A 85 -22.38 6.58 8.75
N ILE A 86 -21.67 5.64 8.12
CA ILE A 86 -22.27 4.33 7.72
C ILE A 86 -21.67 3.28 8.63
N LEU A 87 -22.47 2.77 9.59
CA LEU A 87 -22.00 1.79 10.60
C LEU A 87 -22.62 0.43 10.28
N THR A 88 -21.92 -0.34 9.45
CA THR A 88 -22.49 -1.52 8.78
C THR A 88 -22.65 -2.70 9.77
N ASN A 89 -21.75 -2.86 10.74
CA ASN A 89 -21.89 -3.84 11.84
C ASN A 89 -22.12 -5.26 11.30
N GLY A 90 -21.41 -5.66 10.23
CA GLY A 90 -21.47 -7.04 9.68
C GLY A 90 -22.66 -7.28 8.76
N GLN A 91 -23.42 -6.25 8.44
CA GLN A 91 -24.52 -6.31 7.42
C GLN A 91 -23.91 -6.10 6.01
N GLY A 92 -24.71 -5.75 5.01
CA GLY A 92 -24.19 -5.46 3.65
C GLY A 92 -23.61 -6.71 3.01
N LEU A 93 -24.30 -7.83 3.15
CA LEU A 93 -23.82 -9.15 2.69
C LEU A 93 -23.93 -9.26 1.15
N TRP A 94 -22.99 -9.96 0.53
CA TRP A 94 -23.01 -10.25 -0.92
C TRP A 94 -22.12 -11.46 -1.17
N GLU A 95 -22.25 -12.05 -2.36
CA GLU A 95 -21.57 -13.31 -2.76
C GLU A 95 -20.36 -12.92 -3.60
N LEU A 96 -19.16 -13.13 -3.04
CA LEU A 96 -17.88 -12.92 -3.77
C LEU A 96 -17.55 -14.24 -4.46
N ASN A 97 -17.20 -14.16 -5.75
CA ASN A 97 -16.74 -15.35 -6.49
C ASN A 97 -15.85 -14.93 -7.66
N TYR A 98 -14.56 -15.17 -7.54
CA TYR A 98 -13.56 -14.91 -8.62
C TYR A 98 -13.87 -15.79 -9.86
N GLY A 99 -14.49 -16.94 -9.64
CA GLY A 99 -14.88 -17.89 -10.69
C GLY A 99 -13.78 -18.87 -11.04
N LYS A 100 -12.60 -18.77 -10.43
CA LYS A 100 -11.48 -19.74 -10.57
C LYS A 100 -10.50 -19.49 -9.42
N HIS A 101 -9.67 -20.47 -9.08
CA HIS A 101 -8.71 -20.30 -7.96
C HIS A 101 -7.68 -19.21 -8.30
N LEU A 102 -6.95 -18.75 -7.29
CA LEU A 102 -5.98 -17.64 -7.41
C LEU A 102 -4.55 -18.22 -7.50
N ASP A 103 -3.51 -17.38 -7.43
CA ASP A 103 -2.08 -17.79 -7.68
C ASP A 103 -1.66 -18.90 -6.72
N ASN A 104 -2.17 -18.87 -5.49
CA ASN A 104 -2.02 -19.94 -4.49
C ASN A 104 -3.40 -20.59 -4.31
N THR A 105 -3.55 -21.91 -4.53
CA THR A 105 -4.90 -22.56 -4.47
C THR A 105 -5.49 -22.47 -3.04
N ASN A 106 -4.68 -22.12 -2.02
CA ASN A 106 -5.16 -21.96 -0.62
C ASN A 106 -5.80 -20.58 -0.35
N HIS A 107 -5.58 -19.56 -1.18
CA HIS A 107 -6.26 -18.25 -0.98
C HIS A 107 -7.77 -18.46 -1.20
N LYS A 108 -8.57 -18.07 -0.22
CA LYS A 108 -10.05 -18.14 -0.36
C LYS A 108 -10.49 -17.24 -1.51
N TRP A 109 -11.37 -17.73 -2.37
CA TRP A 109 -11.76 -16.98 -3.60
C TRP A 109 -13.27 -16.98 -3.85
N HIS A 110 -14.08 -17.53 -2.94
CA HIS A 110 -15.55 -17.41 -3.00
C HIS A 110 -16.10 -17.49 -1.59
N GLY A 111 -17.12 -16.71 -1.29
CA GLY A 111 -17.82 -16.78 0.00
C GLY A 111 -18.62 -15.53 0.23
N THR A 112 -19.43 -15.53 1.30
CA THR A 112 -20.22 -14.35 1.69
C THR A 112 -19.27 -13.31 2.27
N VAL A 113 -19.46 -12.06 1.90
CA VAL A 113 -18.64 -10.91 2.35
C VAL A 113 -19.61 -9.85 2.90
N SER A 114 -19.21 -9.17 3.99
CA SER A 114 -19.88 -7.96 4.53
C SER A 114 -19.12 -6.72 4.04
N SER A 115 -19.77 -5.82 3.29
CA SER A 115 -19.15 -4.56 2.78
C SER A 115 -20.03 -3.34 3.06
N SER A 116 -19.50 -2.33 3.73
CA SER A 116 -20.19 -1.05 4.04
C SER A 116 -20.60 -0.36 2.73
N ILE A 117 -19.67 -0.29 1.80
CA ILE A 117 -19.98 0.14 0.41
C ILE A 117 -19.49 -0.93 -0.56
N LEU A 118 -20.35 -1.34 -1.48
CA LEU A 118 -19.98 -2.25 -2.59
C LEU A 118 -20.20 -1.51 -3.92
N LEU A 119 -19.14 -1.37 -4.72
CA LEU A 119 -19.22 -0.90 -6.12
C LEU A 119 -18.91 -2.07 -7.06
N LYS A 120 -19.93 -2.82 -7.46
CA LYS A 120 -19.79 -3.98 -8.38
C LYS A 120 -20.29 -3.55 -9.76
N ASP A 121 -19.36 -3.41 -10.72
CA ASP A 121 -19.67 -2.98 -12.11
C ASP A 121 -20.42 -1.64 -12.09
N VAL A 122 -20.04 -0.76 -11.18
CA VAL A 122 -20.44 0.66 -11.20
C VAL A 122 -19.24 1.48 -11.62
N GLU A 123 -19.33 2.17 -12.74
CA GLU A 123 -18.21 3.00 -13.25
C GLU A 123 -18.66 4.44 -13.32
N TYR A 124 -17.72 5.37 -13.54
CA TYR A 124 -17.94 6.84 -13.50
C TYR A 124 -18.69 7.18 -12.21
N ILE A 125 -18.01 6.99 -11.07
CA ILE A 125 -18.58 7.31 -9.74
C ILE A 125 -17.50 7.91 -8.85
N GLU A 126 -17.88 8.89 -8.04
CA GLU A 126 -17.00 9.63 -7.11
C GLU A 126 -17.69 9.62 -5.74
N ILE A 127 -17.02 9.09 -4.71
CA ILE A 127 -17.56 9.06 -3.32
C ILE A 127 -16.67 9.93 -2.42
N GLU A 128 -17.24 10.88 -1.65
CA GLU A 128 -16.44 11.80 -0.81
C GLU A 128 -17.14 12.09 0.53
N GLY A 129 -16.33 12.44 1.54
CA GLY A 129 -16.73 13.07 2.80
C GLY A 129 -17.38 12.16 3.84
N LEU A 130 -17.39 10.84 3.68
CA LEU A 130 -18.13 9.94 4.59
C LEU A 130 -17.23 9.39 5.67
N GLU A 131 -17.83 8.90 6.76
CA GLU A 131 -17.19 8.07 7.81
C GLU A 131 -17.82 6.68 7.71
N ILE A 132 -16.99 5.64 7.73
CA ILE A 132 -17.42 4.26 7.40
C ILE A 132 -16.81 3.31 8.42
N THR A 133 -17.60 2.37 8.97
CA THR A 133 -17.08 1.31 9.89
C THR A 133 -17.74 -0.01 9.54
N ASN A 134 -17.08 -1.09 9.96
CA ASN A 134 -17.59 -2.47 9.85
C ASN A 134 -17.04 -3.23 11.04
N ASP A 135 -17.53 -2.82 12.21
CA ASP A 135 -17.03 -3.19 13.55
C ASP A 135 -17.72 -4.50 13.90
N ARG A 136 -17.07 -5.39 14.64
CA ARG A 136 -17.66 -6.69 15.00
C ARG A 136 -18.27 -6.59 16.42
N GLY A 137 -18.06 -5.48 17.09
CA GLY A 137 -18.36 -5.30 18.53
C GLY A 137 -19.78 -4.87 18.91
N THR A 138 -20.83 -5.00 18.06
CA THR A 138 -22.22 -4.56 18.43
C THR A 138 -23.17 -5.72 18.68
N LYS A 139 -24.28 -5.42 19.39
CA LYS A 139 -25.41 -6.32 19.72
C LYS A 139 -25.78 -7.20 18.53
N ASN A 140 -26.57 -6.69 17.59
CA ASN A 140 -27.20 -7.46 16.49
C ASN A 140 -26.16 -7.89 15.43
N ASP A 141 -24.86 -7.98 15.78
CA ASP A 141 -23.78 -8.38 14.82
C ASP A 141 -24.04 -9.83 14.44
N PRO A 142 -24.20 -10.16 13.14
CA PRO A 142 -24.48 -11.54 12.73
C PRO A 142 -23.56 -12.63 13.30
N GLU A 143 -22.32 -12.33 13.69
CA GLU A 143 -21.37 -13.37 14.19
C GLU A 143 -21.36 -13.35 15.72
N GLY A 144 -22.19 -12.51 16.36
CA GLY A 144 -22.36 -12.50 17.83
C GLY A 144 -21.01 -12.35 18.49
N ASP A 145 -20.66 -13.25 19.41
CA ASP A 145 -19.40 -13.15 20.18
C ASP A 145 -18.33 -14.10 19.59
N LYS A 146 -18.45 -14.51 18.33
CA LYS A 146 -17.40 -15.29 17.60
C LYS A 146 -16.04 -14.62 17.83
N ALA A 147 -14.99 -15.40 18.07
CA ALA A 147 -13.62 -14.86 18.31
C ALA A 147 -13.14 -14.09 17.08
N TYR A 148 -12.63 -12.86 17.27
CA TYR A 148 -12.14 -11.96 16.21
C TYR A 148 -11.15 -12.67 15.27
N ASN A 149 -10.42 -13.68 15.76
CA ASN A 149 -9.33 -14.33 14.98
C ASN A 149 -9.69 -15.77 14.62
N ASP A 150 -10.96 -16.15 14.59
CA ASP A 150 -11.32 -17.48 14.03
C ASP A 150 -11.00 -17.44 12.53
N ALA A 151 -10.55 -18.57 11.98
CA ALA A 151 -10.06 -18.63 10.58
C ALA A 151 -11.24 -18.48 9.62
N ASP A 152 -12.48 -18.74 10.10
CA ASP A 152 -13.70 -18.69 9.25
C ASP A 152 -14.56 -17.50 9.61
N CYS A 153 -14.03 -16.50 10.31
CA CYS A 153 -14.72 -15.18 10.37
C CYS A 153 -15.01 -14.70 8.94
N MET A 154 -16.17 -14.08 8.75
CA MET A 154 -16.61 -13.56 7.44
C MET A 154 -15.67 -12.41 7.06
N ASP A 155 -15.29 -12.33 5.79
CA ASP A 155 -14.49 -11.17 5.29
C ASP A 155 -15.35 -9.89 5.41
N ARG A 156 -14.71 -8.75 5.72
CA ARG A 156 -15.40 -7.45 5.87
C ARG A 156 -14.58 -6.39 5.14
N THR A 157 -15.29 -5.45 4.48
CA THR A 157 -14.69 -4.30 3.76
C THR A 157 -15.36 -3.01 4.23
N GLY A 158 -14.59 -1.92 4.20
CA GLY A 158 -15.12 -0.55 4.18
C GLY A 158 -15.70 -0.27 2.80
N VAL A 159 -14.83 -0.24 1.76
CA VAL A 159 -15.29 -0.09 0.35
C VAL A 159 -14.72 -1.23 -0.50
N ALA A 160 -15.61 -2.08 -1.00
CA ALA A 160 -15.28 -3.22 -1.88
C ALA A 160 -15.59 -2.80 -3.32
N GLY A 161 -14.67 -3.07 -4.24
CA GLY A 161 -14.88 -2.83 -5.69
C GLY A 161 -14.75 -4.13 -6.44
N VAL A 162 -15.66 -4.39 -7.38
CA VAL A 162 -15.65 -5.59 -8.25
C VAL A 162 -15.88 -5.11 -9.70
N ALA A 163 -14.94 -5.41 -10.59
CA ALA A 163 -15.16 -5.46 -12.06
C ALA A 163 -15.42 -6.92 -12.47
N LYS A 164 -16.43 -7.20 -13.30
CA LYS A 164 -16.80 -8.58 -13.69
C LYS A 164 -17.50 -8.57 -15.06
N ASP A 165 -18.70 -8.02 -15.16
CA ASP A 165 -19.56 -8.24 -16.36
C ASP A 165 -19.72 -6.96 -17.18
N LYS A 166 -18.80 -6.00 -17.12
CA LYS A 166 -18.87 -4.77 -17.94
C LYS A 166 -17.54 -4.39 -18.58
N GLY A 167 -16.73 -5.37 -19.00
CA GLY A 167 -15.40 -5.13 -19.59
C GLY A 167 -14.56 -4.23 -18.72
N THR A 168 -13.97 -3.21 -19.30
CA THR A 168 -13.15 -2.24 -18.55
C THR A 168 -14.08 -1.30 -17.75
N LEU A 169 -13.99 -1.27 -16.41
CA LEU A 169 -14.64 -0.24 -15.59
C LEU A 169 -13.76 1.01 -15.55
N ASP A 170 -14.31 2.16 -15.97
CA ASP A 170 -13.59 3.47 -15.96
C ASP A 170 -14.02 4.38 -14.81
N HIS A 171 -13.05 5.02 -14.14
CA HIS A 171 -13.21 6.23 -13.30
C HIS A 171 -14.01 5.90 -12.03
N ILE A 172 -13.35 5.31 -11.06
CA ILE A 172 -13.87 5.15 -9.67
C ILE A 172 -12.95 5.97 -8.77
N VAL A 173 -13.52 6.98 -8.07
CA VAL A 173 -12.77 7.91 -7.20
C VAL A 173 -13.29 7.75 -5.77
N LEU A 174 -12.40 7.45 -4.81
CA LEU A 174 -12.72 7.55 -3.37
C LEU A 174 -11.86 8.68 -2.79
N ASP A 175 -12.48 9.70 -2.20
CA ASP A 175 -11.82 10.97 -1.81
C ASP A 175 -12.26 11.34 -0.39
N ASP A 176 -11.32 11.52 0.53
CA ASP A 176 -11.65 12.07 1.88
C ASP A 176 -12.69 11.18 2.56
N LEU A 177 -12.45 9.86 2.58
CA LEU A 177 -13.26 8.93 3.40
C LEU A 177 -12.49 8.60 4.68
N TYR A 178 -13.19 8.59 5.82
CA TYR A 178 -12.65 8.22 7.13
C TYR A 178 -13.15 6.80 7.42
N ILE A 179 -12.27 5.82 7.28
CA ILE A 179 -12.64 4.36 7.34
C ILE A 179 -11.96 3.80 8.57
N HIS A 180 -12.74 3.37 9.56
CA HIS A 180 -12.13 2.86 10.82
C HIS A 180 -12.91 1.67 11.34
N ASP A 181 -12.24 0.80 12.10
CA ASP A 181 -12.93 -0.33 12.79
C ASP A 181 -13.63 -1.18 11.72
N VAL A 182 -12.88 -1.56 10.69
CA VAL A 182 -13.28 -2.66 9.78
C VAL A 182 -12.63 -3.94 10.29
N ASP A 183 -13.41 -4.78 10.97
CA ASP A 183 -12.87 -5.95 11.70
C ASP A 183 -13.08 -7.20 10.83
N GLY A 184 -12.28 -7.32 9.77
CA GLY A 184 -12.40 -8.40 8.78
C GLY A 184 -11.76 -9.69 9.27
N ASN A 185 -11.57 -10.62 8.34
CA ASN A 185 -10.89 -11.89 8.65
C ASN A 185 -9.42 -11.55 8.89
N VAL A 186 -8.80 -12.09 9.92
CA VAL A 186 -7.40 -11.77 10.30
C VAL A 186 -6.43 -12.27 9.21
N TYR A 187 -6.78 -13.35 8.49
CA TYR A 187 -5.85 -14.15 7.65
C TYR A 187 -5.97 -13.89 6.13
N ASN A 188 -7.20 -13.83 5.61
CA ASN A 188 -7.44 -13.94 4.14
C ASN A 188 -6.85 -12.75 3.36
N LYS A 189 -6.06 -13.03 2.33
CA LYS A 189 -5.29 -11.99 1.59
C LYS A 189 -6.10 -11.40 0.43
N HIS A 190 -7.01 -12.16 -0.19
CA HIS A 190 -7.55 -11.76 -1.53
C HIS A 190 -9.08 -11.78 -1.65
N MET A 191 -9.80 -12.17 -0.60
CA MET A 191 -11.20 -11.70 -0.41
C MET A 191 -11.14 -10.15 -0.26
N THR A 192 -12.25 -9.44 -0.51
CA THR A 192 -12.39 -7.97 -0.25
C THR A 192 -12.45 -7.80 1.27
N ASN A 193 -11.27 -7.74 1.88
CA ASN A 193 -11.07 -7.97 3.32
C ASN A 193 -10.09 -6.94 3.87
N GLY A 194 -10.63 -5.84 4.44
CA GLY A 194 -9.86 -4.67 4.90
C GLY A 194 -10.52 -3.35 4.54
N GLY A 195 -9.78 -2.24 4.59
CA GLY A 195 -10.35 -0.89 4.49
C GLY A 195 -10.98 -0.64 3.12
N ILE A 196 -10.16 -0.71 2.07
CA ILE A 196 -10.56 -0.54 0.65
C ILE A 196 -9.94 -1.70 -0.13
N TYR A 197 -10.74 -2.44 -0.88
CA TYR A 197 -10.21 -3.60 -1.64
C TYR A 197 -10.97 -3.72 -2.98
N PHE A 198 -10.26 -3.51 -4.09
CA PHE A 198 -10.80 -3.63 -5.47
C PHE A 198 -10.28 -4.93 -6.10
N ILE A 199 -11.18 -5.80 -6.58
CA ILE A 199 -10.83 -7.11 -7.24
C ILE A 199 -11.49 -7.20 -8.63
N VAL A 200 -11.00 -8.12 -9.46
CA VAL A 200 -11.58 -8.40 -10.81
C VAL A 200 -12.00 -9.87 -10.84
N GLU A 201 -13.30 -10.11 -11.04
CA GLU A 201 -13.86 -11.49 -11.10
C GLU A 201 -14.03 -11.95 -12.55
N LYS A 202 -13.96 -13.26 -12.78
CA LYS A 202 -14.20 -13.87 -14.12
C LYS A 202 -15.61 -13.49 -14.59
N PRO A 203 -15.73 -12.84 -15.77
CA PRO A 203 -17.03 -12.52 -16.34
C PRO A 203 -17.94 -13.74 -16.51
N THR A 204 -19.25 -13.55 -16.46
CA THR A 204 -20.21 -14.63 -16.83
C THR A 204 -19.93 -15.11 -18.27
N ASP A 205 -19.73 -14.17 -19.18
CA ASP A 205 -19.43 -14.51 -20.60
C ASP A 205 -18.49 -13.44 -21.17
N GLU A 206 -17.20 -13.75 -21.12
CA GLU A 206 -16.11 -12.84 -21.50
C GLU A 206 -16.23 -12.51 -22.99
N ASN A 207 -16.66 -13.47 -23.80
CA ASN A 207 -16.92 -13.27 -25.24
C ASN A 207 -17.94 -12.16 -25.43
N LYS A 208 -18.95 -12.11 -24.56
CA LYS A 208 -20.09 -11.15 -24.65
C LYS A 208 -19.67 -9.77 -24.12
N THR A 209 -19.12 -9.68 -22.89
CA THR A 209 -18.94 -8.37 -22.19
C THR A 209 -17.49 -7.89 -22.27
N GLY A 210 -16.55 -8.78 -22.61
CA GLY A 210 -15.13 -8.43 -22.74
C GLY A 210 -14.37 -8.80 -21.48
N ILE A 211 -13.05 -8.81 -21.56
CA ILE A 211 -12.14 -9.03 -20.38
C ILE A 211 -12.43 -7.95 -19.34
N ALA A 212 -12.63 -8.35 -18.08
CA ALA A 212 -12.86 -7.41 -16.96
C ALA A 212 -11.50 -6.90 -16.44
N LYS A 213 -11.43 -5.60 -16.24
CA LYS A 213 -10.25 -4.89 -15.70
C LYS A 213 -10.67 -3.48 -15.29
N TYR A 214 -9.77 -2.75 -14.65
CA TYR A 214 -9.96 -1.35 -14.20
C TYR A 214 -9.11 -0.40 -15.06
N ASP A 215 -9.68 0.78 -15.32
CA ASP A 215 -8.87 1.94 -15.77
C ASP A 215 -9.34 3.15 -15.00
N ASP A 216 -8.40 3.93 -14.46
CA ASP A 216 -8.66 5.20 -13.75
C ASP A 216 -9.35 4.90 -12.41
N VAL A 217 -8.52 4.59 -11.43
CA VAL A 217 -8.92 4.34 -10.01
C VAL A 217 -8.07 5.27 -9.15
N GLN A 218 -8.74 6.17 -8.43
CA GLN A 218 -8.10 7.24 -7.65
C GLN A 218 -8.62 7.06 -6.22
N ILE A 219 -7.69 6.75 -5.33
CA ILE A 219 -7.93 6.70 -3.86
C ILE A 219 -7.09 7.81 -3.26
N LYS A 220 -7.73 8.83 -2.70
CA LYS A 220 -7.00 10.03 -2.30
C LYS A 220 -7.62 10.68 -1.05
N ASN A 221 -6.76 11.24 -0.21
CA ASN A 221 -7.13 12.08 0.96
C ASN A 221 -7.91 11.26 1.99
N CYS A 222 -7.74 9.93 2.01
CA CYS A 222 -8.53 9.08 2.94
C CYS A 222 -7.74 8.92 4.24
N GLN A 223 -8.44 8.64 5.34
CA GLN A 223 -7.79 8.31 6.63
C GLN A 223 -8.38 6.97 7.06
N LEU A 224 -7.51 6.00 7.30
CA LEU A 224 -7.92 4.63 7.71
C LEU A 224 -7.27 4.33 9.05
N ASP A 225 -8.06 3.78 9.97
CA ASP A 225 -7.50 3.45 11.31
C ASP A 225 -8.13 2.16 11.78
N THR A 226 -7.31 1.18 12.14
CA THR A 226 -7.77 -0.09 12.75
C THR A 226 -8.69 -0.82 11.75
N VAL A 227 -8.16 -1.16 10.58
CA VAL A 227 -8.86 -1.98 9.56
C VAL A 227 -8.02 -3.22 9.28
N ASN A 228 -8.65 -4.36 9.04
CA ASN A 228 -7.89 -5.61 8.77
C ASN A 228 -8.71 -6.48 7.85
N ARG A 229 -8.06 -7.31 7.01
CA ARG A 229 -6.61 -7.48 7.00
C ARG A 229 -5.91 -6.32 6.25
N TRP A 230 -6.30 -6.03 5.00
CA TRP A 230 -5.55 -5.06 4.15
C TRP A 230 -5.96 -3.63 4.50
N GLY A 231 -5.05 -2.66 4.32
CA GLY A 231 -5.44 -1.24 4.38
C GLY A 231 -6.16 -0.83 3.11
N ILE A 232 -5.37 -0.59 2.03
CA ILE A 232 -5.84 -0.29 0.65
C ILE A 232 -5.15 -1.30 -0.29
N ALA A 233 -5.92 -2.09 -1.03
CA ALA A 233 -5.47 -3.03 -2.08
C ALA A 233 -6.28 -2.77 -3.35
N VAL A 234 -5.60 -2.65 -4.47
CA VAL A 234 -6.26 -2.46 -5.79
C VAL A 234 -5.63 -3.41 -6.78
N GLY A 235 -6.43 -4.33 -7.31
CA GLY A 235 -6.18 -4.94 -8.63
C GLY A 235 -6.11 -6.45 -8.64
N TYR A 236 -6.28 -7.18 -7.53
CA TYR A 236 -6.17 -8.67 -7.64
C TYR A 236 -7.22 -9.18 -8.61
N THR A 237 -6.80 -9.98 -9.60
CA THR A 237 -7.64 -10.36 -10.76
C THR A 237 -7.67 -11.89 -10.99
N TYR A 238 -8.80 -12.38 -11.50
CA TYR A 238 -8.97 -13.75 -12.04
C TYR A 238 -7.90 -14.02 -13.12
N ASN A 239 -7.39 -12.98 -13.81
CA ASN A 239 -6.35 -13.06 -14.87
C ASN A 239 -4.92 -13.10 -14.27
N TRP A 240 -4.75 -13.42 -12.96
CA TRP A 240 -3.42 -13.56 -12.33
C TRP A 240 -2.52 -14.48 -13.18
N ASP A 241 -3.11 -15.51 -13.81
CA ASP A 241 -2.37 -16.52 -14.60
C ASP A 241 -1.83 -15.97 -15.94
N LYS A 242 -2.16 -14.73 -16.32
CA LYS A 242 -1.63 -14.05 -17.53
C LYS A 242 -0.29 -13.35 -17.20
N PHE A 243 0.17 -13.33 -15.94
CA PHE A 243 1.37 -12.56 -15.53
C PHE A 243 2.44 -13.48 -14.94
N GLN A 244 2.58 -14.74 -15.39
CA GLN A 244 3.48 -15.70 -14.67
C GLN A 244 4.92 -15.65 -15.19
N THR A 245 5.26 -14.70 -16.05
CA THR A 245 6.67 -14.47 -16.50
C THR A 245 7.30 -13.43 -15.57
N ALA A 246 8.63 -13.30 -15.59
CA ALA A 246 9.36 -12.34 -14.72
C ALA A 246 9.14 -10.96 -15.33
N GLU A 247 9.49 -10.77 -16.60
CA GLU A 247 9.17 -9.51 -17.30
C GLU A 247 7.68 -9.47 -17.64
N LEU A 248 7.07 -8.29 -17.52
CA LEU A 248 5.63 -8.08 -17.81
C LEU A 248 5.49 -7.13 -19.01
N SER A 249 4.89 -7.64 -20.10
CA SER A 249 4.77 -6.88 -21.37
C SER A 249 3.70 -5.80 -21.20
N ASP A 250 3.88 -4.67 -21.91
CA ASP A 250 2.86 -3.59 -22.02
C ASP A 250 1.54 -4.15 -22.57
N GLU A 251 1.60 -5.11 -23.50
CA GLU A 251 0.41 -5.74 -24.13
C GLU A 251 -0.43 -6.50 -23.07
N VAL A 252 0.21 -7.32 -22.25
CA VAL A 252 -0.46 -8.07 -21.14
C VAL A 252 -1.07 -7.06 -20.17
N MET A 253 -0.31 -6.05 -19.76
CA MET A 253 -0.70 -5.05 -18.74
C MET A 253 -1.91 -4.23 -19.24
N GLU A 254 -1.90 -3.74 -20.48
CA GLU A 254 -3.04 -2.97 -21.05
C GLU A 254 -4.28 -3.87 -21.21
N LYS A 255 -4.14 -5.12 -21.61
CA LYS A 255 -5.29 -6.04 -21.87
C LYS A 255 -5.91 -6.53 -20.55
N TYR A 256 -5.10 -6.82 -19.53
CA TYR A 256 -5.54 -7.56 -18.31
C TYR A 256 -5.36 -6.73 -17.03
N GLY A 257 -4.40 -5.78 -17.03
CA GLY A 257 -3.94 -5.08 -15.83
C GLY A 257 -4.75 -3.82 -15.52
N ALA A 258 -4.59 -3.28 -14.31
CA ALA A 258 -5.30 -2.06 -13.88
C ALA A 258 -4.46 -0.87 -14.34
N THR A 259 -5.01 -0.07 -15.24
CA THR A 259 -4.34 1.11 -15.83
C THR A 259 -4.80 2.37 -15.09
N ASN A 260 -3.92 3.38 -15.02
CA ASN A 260 -4.19 4.73 -14.43
C ASN A 260 -4.67 4.59 -12.97
N VAL A 261 -3.96 3.77 -12.18
CA VAL A 261 -4.21 3.66 -10.71
C VAL A 261 -3.34 4.71 -9.99
N VAL A 262 -3.97 5.58 -9.23
CA VAL A 262 -3.29 6.62 -8.41
C VAL A 262 -3.76 6.46 -6.96
N ILE A 263 -2.85 6.24 -6.05
CA ILE A 263 -3.18 6.14 -4.60
C ILE A 263 -2.34 7.22 -3.94
N GLU A 264 -2.97 8.31 -3.44
CA GLU A 264 -2.18 9.49 -3.01
C GLU A 264 -2.84 10.17 -1.82
N ASN A 265 -2.00 10.76 -0.95
CA ASN A 265 -2.43 11.67 0.15
C ASN A 265 -3.29 10.91 1.14
N ASN A 266 -3.06 9.59 1.32
CA ASN A 266 -3.80 8.77 2.33
C ASN A 266 -2.95 8.63 3.60
N TYR A 267 -3.64 8.48 4.72
CA TYR A 267 -3.03 8.20 6.05
C TYR A 267 -3.59 6.88 6.56
N LEU A 268 -2.73 6.00 7.10
CA LEU A 268 -3.17 4.69 7.67
C LEU A 268 -2.48 4.48 9.00
N ASN A 269 -3.26 4.02 9.97
CA ASN A 269 -2.78 3.63 11.31
C ASN A 269 -3.40 2.28 11.68
N ASN A 270 -2.66 1.45 12.42
CA ASN A 270 -3.22 0.22 13.07
C ASN A 270 -3.82 -0.74 12.03
N VAL A 271 -3.30 -0.76 10.80
CA VAL A 271 -3.69 -1.74 9.75
C VAL A 271 -3.25 -3.14 10.20
N GLY A 272 -4.17 -4.09 10.22
CA GLY A 272 -3.85 -5.48 10.62
C GLY A 272 -2.71 -6.09 9.83
N GLY A 273 -2.77 -6.02 8.50
CA GLY A 273 -1.72 -6.54 7.62
C GLY A 273 -1.01 -5.46 6.84
N ASP A 274 -1.04 -5.60 5.51
CA ASP A 274 -0.28 -4.73 4.60
C ASP A 274 -0.97 -3.37 4.49
N ALA A 275 -0.23 -2.27 4.54
CA ALA A 275 -0.88 -0.94 4.49
C ALA A 275 -1.43 -0.63 3.10
N ILE A 276 -0.59 -0.60 2.07
CA ILE A 276 -1.02 -0.22 0.69
C ILE A 276 -0.38 -1.20 -0.26
N THR A 277 -1.16 -1.81 -1.16
CA THR A 277 -0.59 -2.72 -2.19
C THR A 277 -1.34 -2.51 -3.52
N THR A 278 -0.60 -2.17 -4.57
CA THR A 278 -1.09 -2.23 -5.97
C THR A 278 -0.78 -3.63 -6.54
N MET A 279 -1.75 -4.20 -7.24
CA MET A 279 -1.71 -5.61 -7.71
C MET A 279 -2.09 -5.61 -9.19
N TYR A 280 -1.26 -6.22 -10.05
CA TYR A 280 -1.57 -6.39 -11.48
C TYR A 280 -1.89 -5.02 -12.10
N ALA A 281 -1.07 -4.02 -11.79
CA ALA A 281 -1.30 -2.62 -12.18
C ALA A 281 -0.20 -2.16 -13.11
N ASP A 282 -0.60 -1.43 -14.15
CA ASP A 282 0.32 -0.89 -15.19
C ASP A 282 0.66 0.55 -14.87
N GLU A 283 1.92 0.82 -14.56
CA GLU A 283 2.47 2.15 -14.19
C GLU A 283 1.57 2.81 -13.16
N PRO A 284 1.26 2.14 -12.02
CA PRO A 284 0.58 2.81 -10.92
C PRO A 284 1.48 3.91 -10.34
N LEU A 285 0.87 4.92 -9.73
CA LEU A 285 1.53 6.02 -9.01
C LEU A 285 1.08 6.00 -7.55
N ILE A 286 2.01 5.85 -6.63
CA ILE A 286 1.71 5.76 -5.17
C ILE A 286 2.55 6.84 -4.47
N GLN A 287 1.92 7.91 -3.99
CA GLN A 287 2.69 9.12 -3.57
C GLN A 287 1.93 9.85 -2.47
N TYR A 288 2.70 10.47 -1.59
CA TYR A 288 2.26 11.37 -0.48
C TYR A 288 1.40 10.57 0.50
N ASN A 289 1.62 9.25 0.61
CA ASN A 289 0.91 8.44 1.64
C ASN A 289 1.74 8.34 2.92
N VAL A 290 1.07 8.20 4.06
CA VAL A 290 1.68 8.05 5.40
C VAL A 290 1.07 6.79 6.02
N SER A 291 1.90 5.82 6.43
CA SER A 291 1.47 4.64 7.25
C SER A 291 2.26 4.62 8.55
N GLU A 292 1.61 4.29 9.66
CA GLU A 292 2.31 3.94 10.92
C GLU A 292 1.64 2.72 11.57
N ASN A 293 2.41 1.89 12.28
CA ASN A 293 1.87 0.81 13.16
C ASN A 293 1.09 -0.22 12.35
N SER A 294 1.47 -0.50 11.09
CA SER A 294 0.83 -1.55 10.26
C SER A 294 1.41 -2.90 10.68
N SER A 295 0.89 -3.99 10.11
CA SER A 295 1.20 -5.38 10.54
C SER A 295 0.78 -5.56 12.00
N LYS A 296 -0.24 -4.81 12.45
CA LYS A 296 -0.72 -4.85 13.84
C LYS A 296 -1.09 -6.29 14.23
N GLN A 297 -1.73 -7.07 13.35
CA GLN A 297 -2.18 -8.45 13.70
C GLN A 297 -1.25 -9.55 13.12
N ILE A 298 -0.14 -9.20 12.46
CA ILE A 298 0.82 -10.19 11.92
C ILE A 298 1.79 -10.56 13.06
N ASN A 299 1.30 -11.36 14.00
CA ASN A 299 2.12 -11.80 15.16
C ASN A 299 1.55 -13.11 15.69
N LYS A 300 2.25 -13.71 16.64
CA LYS A 300 1.93 -15.10 17.08
C LYS A 300 0.74 -15.08 18.04
N THR A 301 0.33 -13.92 18.57
CA THR A 301 -0.88 -13.81 19.44
C THR A 301 -2.16 -13.73 18.59
N ASP A 302 -2.23 -12.75 17.68
CA ASP A 302 -3.47 -12.50 16.88
C ASP A 302 -3.62 -13.61 15.82
N TYR A 303 -2.51 -13.92 15.14
CA TYR A 303 -2.47 -14.75 13.90
C TYR A 303 -2.20 -16.19 14.30
N SER A 304 -3.10 -16.74 15.11
CA SER A 304 -2.81 -17.90 15.97
C SER A 304 -3.62 -19.14 15.60
N LYS A 305 -4.56 -19.06 14.65
CA LYS A 305 -5.43 -20.20 14.26
C LYS A 305 -5.13 -20.61 12.84
N PRO A 306 -5.15 -21.94 12.54
CA PRO A 306 -4.79 -22.43 11.22
C PRO A 306 -5.92 -22.24 10.20
N GLN A 307 -5.52 -22.08 8.96
CA GLN A 307 -6.39 -21.83 7.78
C GLN A 307 -6.56 -23.12 7.01
N PRO A 308 -7.74 -23.40 6.46
CA PRO A 308 -7.95 -24.66 5.73
C PRO A 308 -7.13 -24.75 4.44
N VAL A 309 -6.78 -25.97 4.05
CA VAL A 309 -6.31 -26.31 2.70
C VAL A 309 -7.54 -26.39 1.80
N LEU A 310 -7.51 -25.70 0.67
CA LEU A 310 -8.67 -25.62 -0.28
C LEU A 310 -8.48 -26.58 -1.46
N ASP A 311 -9.59 -27.10 -1.96
CA ASP A 311 -9.64 -28.00 -3.16
C ASP A 311 -9.19 -27.15 -4.34
N LYS A 312 -8.24 -27.64 -5.14
CA LYS A 312 -7.62 -26.84 -6.24
C LYS A 312 -8.64 -26.48 -7.33
N VAL A 313 -9.78 -27.16 -7.40
CA VAL A 313 -10.84 -26.88 -8.41
C VAL A 313 -11.98 -26.09 -7.75
N THR A 314 -12.54 -26.56 -6.63
CA THR A 314 -13.82 -26.04 -6.07
C THR A 314 -13.60 -24.89 -5.09
N GLY A 315 -12.43 -24.80 -4.46
CA GLY A 315 -12.15 -23.75 -3.45
C GLY A 315 -12.78 -24.09 -2.09
N GLU A 316 -13.28 -25.33 -1.94
CA GLU A 316 -13.95 -25.80 -0.70
C GLU A 316 -12.88 -26.36 0.24
N PRO A 317 -13.02 -26.21 1.58
CA PRO A 317 -12.09 -26.82 2.52
C PRO A 317 -11.97 -28.35 2.30
N THR A 318 -10.78 -28.95 2.47
CA THR A 318 -10.52 -30.38 2.17
C THR A 318 -10.57 -31.23 3.45
N GLY A 319 -10.54 -30.59 4.61
CA GLY A 319 -10.34 -31.24 5.93
C GLY A 319 -8.93 -31.05 6.43
N GLN A 320 -8.01 -30.74 5.52
CA GLN A 320 -6.61 -30.45 5.91
C GLN A 320 -6.50 -28.97 6.34
N TYR A 321 -5.54 -28.71 7.23
CA TYR A 321 -5.16 -27.34 7.73
C TYR A 321 -3.66 -27.11 7.50
N GLN A 322 -3.34 -25.84 7.18
CA GLN A 322 -1.99 -25.27 6.92
C GLN A 322 -1.30 -25.01 8.26
N GLY A 323 0.02 -24.89 8.26
CA GLY A 323 0.77 -24.34 9.41
C GLY A 323 0.26 -22.91 9.71
N VAL A 324 0.22 -22.53 11.00
CA VAL A 324 -0.42 -21.25 11.46
C VAL A 324 0.32 -20.06 10.83
N GLY A 325 1.56 -20.28 10.37
CA GLY A 325 2.45 -19.26 9.78
C GLY A 325 2.05 -18.89 8.36
N ALA A 326 1.11 -19.61 7.71
CA ALA A 326 0.77 -19.36 6.30
C ALA A 326 0.28 -17.90 6.14
N GLY A 327 0.96 -17.09 5.32
CA GLY A 327 0.57 -15.68 5.09
C GLY A 327 0.88 -14.74 6.25
N ARG A 328 1.60 -15.19 7.29
CA ARG A 328 1.92 -14.40 8.50
C ARG A 328 3.11 -13.50 8.16
N VAL A 329 2.91 -12.64 7.15
CA VAL A 329 3.93 -11.70 6.58
C VAL A 329 3.19 -10.45 6.13
N ALA A 330 3.76 -9.28 6.33
CA ALA A 330 3.22 -8.03 5.76
C ALA A 330 4.33 -6.99 5.67
N ALA A 331 4.27 -6.16 4.64
CA ALA A 331 5.15 -4.99 4.44
C ALA A 331 4.28 -3.72 4.40
N GLY A 332 4.92 -2.57 4.26
CA GLY A 332 4.21 -1.28 4.43
C GLY A 332 3.44 -0.93 3.15
N ILE A 333 4.15 -0.44 2.14
CA ILE A 333 3.56 0.25 0.94
C ILE A 333 4.32 -0.25 -0.29
N TRP A 334 3.68 -1.06 -1.15
CA TRP A 334 4.46 -1.92 -2.09
C TRP A 334 3.62 -2.46 -3.23
N PRO A 335 4.29 -2.91 -4.32
CA PRO A 335 3.61 -3.54 -5.45
C PRO A 335 3.79 -5.06 -5.63
N TRP A 336 2.73 -5.68 -6.14
CA TRP A 336 2.64 -7.11 -6.53
C TRP A 336 2.32 -7.17 -8.03
N LYS A 337 3.22 -7.75 -8.82
CA LYS A 337 3.01 -8.02 -10.27
C LYS A 337 2.53 -6.73 -10.92
N CYS A 338 3.25 -5.64 -10.68
CA CYS A 338 3.06 -4.35 -11.36
C CYS A 338 4.20 -4.15 -12.35
N LYS A 339 3.93 -3.32 -13.36
CA LYS A 339 4.90 -2.86 -14.38
C LYS A 339 5.19 -1.38 -14.15
N ASN A 340 6.45 -1.05 -13.92
CA ASN A 340 6.94 0.34 -13.76
C ASN A 340 6.04 1.11 -12.76
N ALA A 341 5.79 0.50 -11.60
CA ALA A 341 5.20 1.18 -10.44
C ALA A 341 6.18 2.24 -9.92
N VAL A 342 5.66 3.44 -9.68
CA VAL A 342 6.43 4.54 -9.05
C VAL A 342 5.87 4.83 -7.64
N PHE A 343 6.73 4.65 -6.62
CA PHE A 343 6.48 5.00 -5.21
C PHE A 343 7.37 6.19 -4.84
N GLN A 344 6.77 7.34 -4.56
CA GLN A 344 7.52 8.57 -4.30
C GLN A 344 6.83 9.40 -3.23
N TYR A 345 7.61 10.07 -2.42
CA TYR A 345 7.12 11.11 -1.46
C TYR A 345 6.23 10.50 -0.37
N ASN A 346 6.39 9.19 -0.07
CA ASN A 346 5.66 8.47 1.00
C ASN A 346 6.47 8.47 2.31
N GLU A 347 5.77 8.31 3.45
CA GLU A 347 6.39 8.13 4.78
C GLU A 347 5.89 6.78 5.31
N CYS A 348 6.74 5.97 5.89
CA CYS A 348 6.31 4.70 6.51
C CYS A 348 7.08 4.50 7.82
N PHE A 349 6.32 4.45 8.91
CA PHE A 349 6.80 4.25 10.28
C PHE A 349 6.31 2.90 10.83
N ARG A 350 7.16 2.26 11.62
CA ARG A 350 6.73 1.17 12.54
C ARG A 350 5.86 0.15 11.81
N THR A 351 6.33 -0.39 10.69
CA THR A 351 5.75 -1.66 10.20
C THR A 351 6.13 -2.73 11.25
N LEU A 352 5.15 -3.28 11.96
CA LEU A 352 5.40 -3.97 13.27
C LEU A 352 5.75 -5.45 13.11
N ASN A 353 6.28 -6.02 14.20
CA ASN A 353 6.11 -7.45 14.59
C ASN A 353 7.12 -8.40 13.89
N ALA A 354 8.17 -7.91 13.27
CA ALA A 354 9.20 -8.80 12.68
C ALA A 354 9.85 -9.68 13.78
N SER A 355 9.88 -9.17 15.02
CA SER A 355 10.42 -9.90 16.18
C SER A 355 9.38 -10.85 16.80
N ASN A 356 8.10 -10.85 16.41
CA ASN A 356 7.12 -11.81 17.00
C ASN A 356 6.20 -12.38 15.93
N GLY A 357 6.75 -12.89 14.84
CA GLY A 357 6.05 -13.78 13.89
C GLY A 357 5.74 -13.14 12.55
N ASN A 358 6.05 -11.84 12.34
CA ASN A 358 5.99 -11.24 10.99
C ASN A 358 7.26 -11.67 10.25
N GLY A 359 7.13 -12.47 9.19
CA GLY A 359 8.31 -12.93 8.42
C GLY A 359 8.90 -11.84 7.55
N ASP A 360 8.20 -10.68 7.48
CA ASP A 360 8.62 -9.49 6.70
C ASP A 360 8.71 -8.29 7.64
N GLY A 361 7.96 -7.20 7.40
CA GLY A 361 7.99 -5.98 8.25
C GLY A 361 8.81 -4.85 7.68
N GLN A 362 9.15 -4.92 6.40
CA GLN A 362 9.81 -3.80 5.68
C GLN A 362 8.79 -2.70 5.38
N PRO A 363 9.21 -1.41 5.37
CA PRO A 363 8.37 -0.36 4.85
C PRO A 363 8.11 -0.56 3.35
N TRP A 364 9.17 -0.92 2.60
CA TRP A 364 9.18 -0.94 1.13
C TRP A 364 9.48 -2.38 0.71
N ASP A 365 8.76 -2.88 -0.29
CA ASP A 365 8.97 -4.28 -0.78
C ASP A 365 8.76 -4.31 -2.30
N ALA A 366 9.83 -4.24 -3.10
CA ALA A 366 9.74 -4.47 -4.56
C ALA A 366 9.54 -5.97 -4.78
N ASP A 367 8.29 -6.43 -4.75
CA ASP A 367 7.97 -7.87 -4.74
C ASP A 367 8.04 -8.39 -6.19
N TYR A 368 7.53 -9.58 -6.50
CA TYR A 368 7.44 -10.04 -7.91
C TYR A 368 6.89 -8.88 -8.73
N GLY A 369 7.51 -8.58 -9.86
CA GLY A 369 7.05 -7.52 -10.76
C GLY A 369 8.26 -6.93 -11.48
N ASP A 370 8.03 -5.89 -12.28
CA ASP A 370 9.00 -5.48 -13.32
C ASP A 370 9.04 -3.96 -13.36
N GLY A 371 10.16 -3.35 -12.93
CA GLY A 371 10.40 -1.91 -13.14
C GLY A 371 10.00 -1.06 -11.94
N THR A 372 9.90 -1.63 -10.75
CA THR A 372 9.49 -0.87 -9.54
C THR A 372 10.55 0.20 -9.25
N ASN A 373 10.11 1.41 -9.04
CA ASN A 373 10.99 2.55 -8.68
C ASN A 373 10.50 3.14 -7.36
N TYR A 374 11.27 3.01 -6.30
CA TYR A 374 11.08 3.71 -5.03
C TYR A 374 12.01 4.93 -5.09
N GLN A 375 11.44 6.13 -5.11
CA GLN A 375 12.27 7.35 -5.10
C GLN A 375 11.68 8.42 -4.18
N TYR A 376 12.55 9.08 -3.40
CA TYR A 376 12.24 10.31 -2.62
C TYR A 376 11.26 9.97 -1.47
N ASN A 377 11.43 8.78 -0.86
CA ASN A 377 10.60 8.27 0.26
C ASN A 377 11.38 8.38 1.58
N TYR A 378 10.65 8.44 2.68
CA TYR A 378 11.25 8.48 4.05
C TYR A 378 10.71 7.30 4.87
N SER A 379 11.56 6.66 5.68
CA SER A 379 11.07 5.61 6.62
C SER A 379 11.83 5.69 7.95
N HIS A 380 11.16 5.29 9.03
CA HIS A 380 11.70 5.30 10.42
C HIS A 380 11.05 4.18 11.25
N GLY A 381 11.86 3.46 12.04
CA GLY A 381 11.40 2.56 13.11
C GLY A 381 10.64 1.34 12.59
N ASN A 382 10.85 0.93 11.33
CA ASN A 382 10.27 -0.33 10.80
C ASN A 382 11.01 -1.51 11.44
N THR A 383 10.35 -2.63 11.60
CA THR A 383 10.92 -3.77 12.36
C THR A 383 11.82 -4.63 11.45
N ALA A 384 11.74 -4.49 10.11
CA ALA A 384 12.71 -5.17 9.22
C ALA A 384 13.41 -4.16 8.33
N SER A 385 14.29 -4.64 7.46
CA SER A 385 15.11 -3.84 6.52
C SER A 385 14.25 -2.85 5.74
N THR A 386 14.81 -1.68 5.48
CA THR A 386 14.23 -0.62 4.63
C THR A 386 13.63 -1.19 3.34
N ILE A 387 14.40 -1.95 2.54
CA ILE A 387 13.91 -2.42 1.21
C ILE A 387 14.14 -3.92 1.06
N MET A 388 13.09 -4.68 0.81
CA MET A 388 13.21 -6.05 0.28
C MET A 388 13.03 -6.02 -1.25
N PHE A 389 13.92 -6.73 -1.96
CA PHE A 389 13.69 -7.17 -3.36
C PHE A 389 13.32 -8.65 -3.26
N CYS A 390 12.07 -9.03 -3.53
CA CYS A 390 11.55 -10.36 -3.13
C CYS A 390 11.54 -11.37 -4.29
N GLY A 391 12.57 -12.21 -4.36
CA GLY A 391 12.50 -13.52 -5.08
C GLY A 391 12.66 -13.38 -6.58
N TYR A 392 12.63 -14.51 -7.30
CA TYR A 392 13.31 -14.66 -8.62
C TYR A 392 12.50 -13.93 -9.70
N GLN A 393 11.26 -13.52 -9.40
CA GLN A 393 10.48 -12.72 -10.39
C GLN A 393 10.37 -11.25 -9.96
N SER A 394 11.20 -10.78 -9.03
CA SER A 394 11.39 -9.33 -8.75
C SER A 394 12.55 -8.85 -9.58
N VAL A 395 12.28 -8.11 -10.66
CA VAL A 395 13.33 -7.72 -11.67
C VAL A 395 13.26 -6.23 -12.00
N ASN A 396 14.37 -5.67 -12.48
CA ASN A 396 14.45 -4.30 -13.05
C ASN A 396 14.08 -3.29 -11.96
N ASN A 397 14.82 -3.30 -10.86
CA ASN A 397 14.50 -2.52 -9.64
C ASN A 397 15.41 -1.29 -9.52
N THR A 398 14.79 -0.15 -9.24
CA THR A 398 15.48 1.13 -8.91
C THR A 398 15.01 1.57 -7.51
N PHE A 399 15.96 1.77 -6.61
CA PHE A 399 15.73 2.28 -5.24
C PHE A 399 16.67 3.48 -5.08
N ARG A 400 16.19 4.71 -5.19
CA ARG A 400 17.06 5.92 -5.25
C ARG A 400 16.53 7.10 -4.44
N TYR A 401 17.46 7.90 -3.91
CA TYR A 401 17.18 9.22 -3.30
C TYR A 401 16.12 9.07 -2.21
N ASN A 402 16.22 7.97 -1.43
CA ASN A 402 15.36 7.71 -0.25
C ASN A 402 16.17 8.01 1.02
N ILE A 403 15.49 8.24 2.12
CA ILE A 403 16.13 8.43 3.45
C ILE A 403 15.47 7.44 4.40
N SER A 404 16.30 6.75 5.18
CA SER A 404 15.90 5.70 6.12
C SER A 404 16.67 5.87 7.43
N GLN A 405 16.00 5.83 8.57
CA GLN A 405 16.69 5.93 9.89
C GLN A 405 16.04 4.99 10.92
N ASN A 406 16.87 4.35 11.74
CA ASN A 406 16.40 3.70 13.00
C ASN A 406 15.45 2.53 12.66
N GLU A 407 15.68 1.82 11.56
CA GLU A 407 14.98 0.53 11.33
C GLU A 407 15.59 -0.47 12.32
N ASP A 408 14.91 -1.58 12.57
CA ASP A 408 15.37 -2.60 13.55
C ASP A 408 16.27 -3.63 12.86
N MET A 409 16.55 -3.45 11.56
CA MET A 409 17.60 -4.21 10.82
C MET A 409 18.38 -3.24 9.90
N GLY A 410 19.51 -3.71 9.41
CA GLY A 410 20.23 -3.03 8.34
C GLY A 410 19.32 -2.88 7.12
N PRO A 411 19.63 -1.90 6.25
CA PRO A 411 18.69 -1.46 5.24
C PRO A 411 18.38 -2.40 4.08
N LEU A 412 19.18 -3.45 3.83
CA LEU A 412 19.07 -4.18 2.54
C LEU A 412 18.62 -5.64 2.73
N ASP A 413 17.57 -6.02 1.98
CA ASP A 413 16.99 -7.40 1.98
C ASP A 413 16.85 -7.90 0.55
N PRO A 414 17.97 -8.23 -0.14
CA PRO A 414 17.91 -8.84 -1.47
C PRO A 414 17.63 -10.34 -1.31
N ALA A 415 16.35 -10.68 -1.16
CA ALA A 415 15.89 -12.04 -0.81
C ALA A 415 15.70 -12.88 -2.09
N GLY A 416 16.77 -13.11 -2.84
CA GLY A 416 16.75 -14.00 -4.01
C GLY A 416 16.16 -13.30 -5.22
N ASN A 417 16.23 -11.96 -5.26
CA ASN A 417 15.79 -11.15 -6.42
C ASN A 417 16.73 -11.47 -7.58
N ALA A 418 16.32 -11.09 -8.79
CA ALA A 418 17.09 -11.44 -10.01
C ALA A 418 17.21 -10.22 -10.89
N GLY A 419 18.22 -10.25 -11.76
CA GLY A 419 18.40 -9.25 -12.82
C GLY A 419 18.90 -7.92 -12.30
N ASN A 420 18.58 -6.87 -13.02
CA ASN A 420 19.16 -5.53 -12.75
C ASN A 420 18.52 -4.96 -11.51
N THR A 421 19.35 -4.69 -10.48
CA THR A 421 18.91 -4.22 -9.14
C THR A 421 19.83 -3.06 -8.69
N GLN A 422 19.33 -1.82 -8.70
CA GLN A 422 20.17 -0.61 -8.52
C GLN A 422 19.67 0.16 -7.29
N VAL A 423 20.55 0.31 -6.30
CA VAL A 423 20.32 1.05 -5.04
C VAL A 423 21.35 2.18 -5.04
N TYR A 424 20.93 3.41 -5.27
CA TYR A 424 21.88 4.54 -5.43
C TYR A 424 21.34 5.83 -4.83
N ASN A 425 22.27 6.64 -4.33
CA ASN A 425 22.02 8.00 -3.79
C ASN A 425 21.00 7.96 -2.65
N ASN A 426 21.03 6.90 -1.84
CA ASN A 426 20.23 6.84 -0.59
C ASN A 426 21.10 7.29 0.59
N THR A 427 20.49 7.80 1.66
CA THR A 427 21.13 8.01 2.98
C THR A 427 20.46 7.08 3.99
N PHE A 428 21.24 6.18 4.56
CA PHE A 428 20.79 5.15 5.53
C PHE A 428 21.45 5.45 6.87
N TYR A 429 20.65 5.87 7.83
CA TYR A 429 21.08 6.06 9.23
C TYR A 429 20.82 4.75 9.97
N ILE A 430 21.87 4.00 10.31
CA ILE A 430 21.81 2.61 10.85
C ILE A 430 21.97 2.70 12.37
N LYS A 431 20.98 2.25 13.12
CA LYS A 431 20.98 2.51 14.58
C LYS A 431 22.08 1.70 15.26
N GLU A 432 22.57 2.22 16.39
CA GLU A 432 23.67 1.62 17.18
C GLU A 432 23.32 0.16 17.47
N GLY A 433 24.29 -0.75 17.36
CA GLY A 433 24.19 -2.14 17.84
C GLY A 433 23.72 -3.12 16.77
N LEU A 434 23.30 -2.64 15.59
CA LEU A 434 22.86 -3.54 14.48
C LEU A 434 24.06 -4.31 13.92
N ASN A 435 25.21 -3.64 13.74
CA ASN A 435 26.44 -4.30 13.25
C ASN A 435 26.15 -5.13 12.00
N ASN A 436 25.44 -4.56 11.04
CA ASN A 436 25.07 -5.24 9.78
C ASN A 436 24.49 -4.21 8.82
N ILE A 437 24.50 -4.50 7.52
CA ILE A 437 23.69 -3.73 6.54
C ILE A 437 22.60 -4.63 5.96
N TRP A 438 22.52 -5.90 6.33
CA TRP A 438 21.68 -6.95 5.67
C TRP A 438 20.56 -7.43 6.58
N HIS A 439 19.51 -7.96 5.98
CA HIS A 439 18.41 -8.67 6.67
C HIS A 439 19.00 -9.82 7.50
N THR A 440 18.43 -10.11 8.67
CA THR A 440 19.02 -11.05 9.66
C THR A 440 18.64 -12.51 9.36
N SER A 441 17.73 -12.78 8.44
CA SER A 441 17.37 -14.20 8.15
C SER A 441 17.01 -14.50 6.69
N HIS A 442 16.72 -13.53 5.81
CA HIS A 442 16.25 -13.83 4.43
C HIS A 442 17.40 -14.31 3.50
N GLY A 443 18.67 -14.32 3.94
CA GLY A 443 19.76 -14.99 3.19
C GLY A 443 20.57 -14.05 2.28
N ASN A 444 20.02 -12.95 1.79
CA ASN A 444 20.74 -11.88 1.04
C ASN A 444 21.40 -12.43 -0.24
N ALA A 445 20.80 -13.42 -0.90
CA ALA A 445 21.35 -14.11 -2.08
C ALA A 445 21.25 -13.27 -3.36
N GLY A 446 20.37 -12.27 -3.43
CA GLY A 446 20.13 -11.56 -4.70
C GLY A 446 21.21 -10.53 -4.98
N PRO A 447 21.41 -10.12 -6.26
CA PRO A 447 22.40 -9.11 -6.61
C PRO A 447 21.93 -7.70 -6.25
N ILE A 448 22.87 -6.82 -5.94
CA ILE A 448 22.64 -5.35 -5.95
C ILE A 448 23.87 -4.65 -6.49
N ASN A 449 23.62 -3.65 -7.34
CA ASN A 449 24.60 -2.62 -7.77
C ASN A 449 24.39 -1.41 -6.84
N LEU A 450 25.29 -1.22 -5.88
CA LEU A 450 25.25 -0.20 -4.80
C LEU A 450 26.19 0.95 -5.16
N GLU A 451 25.63 2.13 -5.39
CA GLU A 451 26.40 3.34 -5.83
C GLU A 451 25.93 4.59 -5.10
N ASN A 452 26.86 5.47 -4.71
CA ASN A 452 26.56 6.86 -4.27
C ASN A 452 25.70 6.83 -3.00
N ASN A 453 25.77 5.79 -2.17
CA ASN A 453 24.94 5.71 -0.94
C ASN A 453 25.75 6.19 0.25
N ILE A 454 25.08 6.83 1.22
CA ILE A 454 25.65 7.08 2.57
C ILE A 454 25.24 5.92 3.49
N PHE A 455 26.24 5.22 4.03
CA PHE A 455 26.07 4.20 5.11
C PHE A 455 26.54 4.86 6.40
N TYR A 456 25.60 5.33 7.22
CA TYR A 456 25.93 6.13 8.41
C TYR A 456 25.67 5.31 9.67
N PHE A 457 26.71 4.76 10.29
CA PHE A 457 26.58 3.89 11.47
C PHE A 457 26.58 4.74 12.75
N ALA A 458 25.43 4.84 13.41
CA ALA A 458 25.33 5.46 14.76
C ALA A 458 26.13 4.62 15.77
N GLY A 459 26.59 5.23 16.85
CA GLY A 459 27.19 4.52 17.99
C GLY A 459 28.50 5.09 18.47
N GLU A 460 28.83 4.79 19.73
CA GLU A 460 30.06 5.24 20.44
C GLU A 460 31.29 4.52 19.90
N THR A 461 31.14 3.29 19.45
CA THR A 461 32.23 2.53 18.83
C THR A 461 31.91 2.34 17.35
N PRO A 462 32.93 2.07 16.52
CA PRO A 462 32.70 1.69 15.13
C PRO A 462 31.83 0.43 15.04
N ALA A 463 30.86 0.43 14.15
CA ALA A 463 30.11 -0.78 13.82
C ALA A 463 31.03 -1.83 13.16
N THR A 464 30.59 -3.08 13.19
CA THR A 464 31.27 -4.16 12.45
C THR A 464 30.25 -4.67 11.44
N VAL A 465 30.74 -5.03 10.27
CA VAL A 465 29.93 -5.74 9.25
C VAL A 465 30.77 -6.96 8.86
N GLU A 466 30.26 -8.14 9.14
CA GLU A 466 31.02 -9.40 8.98
C GLU A 466 31.18 -9.67 7.48
N ASN A 467 30.17 -9.42 6.65
CA ASN A 467 30.22 -9.82 5.23
C ASN A 467 29.58 -8.76 4.33
N TRP A 468 30.40 -8.03 3.58
CA TRP A 468 29.95 -6.93 2.70
C TRP A 468 29.38 -7.51 1.39
N ASN A 469 29.67 -8.78 1.09
CA ASN A 469 29.36 -9.39 -0.23
C ASN A 469 28.81 -10.80 -0.10
N PRO A 470 27.65 -11.00 0.56
CA PRO A 470 27.02 -12.32 0.64
C PRO A 470 26.65 -12.82 -0.76
N ASN A 471 26.92 -14.09 -1.04
CA ASN A 471 26.71 -14.77 -2.34
C ASN A 471 27.58 -14.18 -3.45
N GLY A 472 28.48 -13.25 -3.15
CA GLY A 472 29.47 -12.74 -4.10
C GLY A 472 28.91 -11.85 -5.22
N ASN A 473 27.65 -11.39 -5.18
CA ASN A 473 27.05 -10.67 -6.34
C ASN A 473 26.64 -9.25 -5.94
N LYS A 474 27.29 -8.67 -4.92
CA LYS A 474 27.11 -7.25 -4.51
C LYS A 474 28.25 -6.47 -5.14
N THR A 475 27.94 -5.39 -5.87
CA THR A 475 28.98 -4.48 -6.41
C THR A 475 28.81 -3.12 -5.73
N TYR A 476 29.90 -2.42 -5.51
CA TYR A 476 29.93 -1.11 -4.84
C TYR A 476 30.74 -0.11 -5.66
N SER A 477 30.27 1.12 -5.80
CA SER A 477 31.13 2.22 -6.31
C SER A 477 30.67 3.59 -5.76
N ASN A 478 31.61 4.34 -5.20
CA ASN A 478 31.39 5.75 -4.82
C ASN A 478 30.40 5.86 -3.64
N ASN A 479 30.47 4.93 -2.69
CA ASN A 479 29.67 4.98 -1.44
C ASN A 479 30.51 5.63 -0.33
N LEU A 480 29.81 6.15 0.67
CA LEU A 480 30.44 6.75 1.87
C LEU A 480 30.13 5.85 3.06
N PHE A 481 31.13 5.61 3.89
CA PHE A 481 31.09 4.69 5.05
C PHE A 481 31.54 5.46 6.31
N TYR A 482 30.58 5.75 7.18
CA TYR A 482 30.79 6.51 8.42
C TYR A 482 30.80 5.54 9.61
N ASN A 483 31.92 5.47 10.32
CA ASN A 483 32.05 4.88 11.67
C ASN A 483 31.86 3.36 11.58
N VAL A 484 32.60 2.69 10.69
CA VAL A 484 32.56 1.21 10.53
C VAL A 484 33.99 0.73 10.40
N SER A 485 34.31 -0.46 10.92
CA SER A 485 35.71 -0.90 11.15
C SER A 485 36.33 -1.53 9.91
N THR A 486 35.52 -1.98 8.92
CA THR A 486 36.00 -2.52 7.62
C THR A 486 35.15 -1.95 6.47
N TYR A 487 35.59 -2.12 5.23
CA TYR A 487 34.92 -1.52 4.05
C TYR A 487 34.76 -2.56 2.96
N PRO A 488 33.72 -2.47 2.08
CA PRO A 488 33.57 -3.40 0.97
C PRO A 488 34.63 -3.15 -0.12
N GLU A 489 34.56 -3.87 -1.24
CA GLU A 489 35.42 -3.65 -2.43
C GLU A 489 34.85 -2.50 -3.27
N ASP A 490 34.99 -1.28 -2.77
CA ASP A 490 34.57 -0.01 -3.42
C ASP A 490 35.85 0.81 -3.68
N ALA A 491 36.36 0.78 -4.92
CA ALA A 491 37.58 1.50 -5.33
C ALA A 491 37.41 3.01 -5.08
N ASN A 492 36.18 3.53 -4.99
CA ASN A 492 35.95 5.00 -4.82
C ASN A 492 35.30 5.29 -3.47
N ALA A 493 35.51 4.44 -2.47
CA ALA A 493 34.90 4.58 -1.13
C ALA A 493 35.34 5.91 -0.52
N VAL A 494 34.46 6.57 0.21
CA VAL A 494 34.80 7.71 1.08
C VAL A 494 34.65 7.20 2.51
N LYS A 495 35.77 7.05 3.22
CA LYS A 495 35.82 6.44 4.58
C LYS A 495 35.89 7.55 5.62
N VAL A 496 34.95 7.57 6.55
CA VAL A 496 34.79 8.74 7.45
C VAL A 496 34.74 8.24 8.89
N ASP A 497 35.48 8.92 9.77
CA ASP A 497 35.59 8.58 11.22
C ASP A 497 34.54 9.37 12.01
N ALA A 498 34.11 8.77 13.13
CA ALA A 498 33.18 9.40 14.11
C ALA A 498 33.69 10.81 14.38
N GLY A 499 32.81 11.79 14.47
CA GLY A 499 33.21 13.18 14.80
C GLY A 499 33.41 14.05 13.58
N THR A 500 33.70 13.47 12.41
CA THR A 500 33.73 14.25 11.13
C THR A 500 32.27 14.40 10.68
N LYS A 501 31.78 15.63 10.55
CA LYS A 501 30.40 15.91 10.08
C LYS A 501 30.30 15.57 8.59
N VAL A 502 29.17 14.97 8.22
CA VAL A 502 28.81 14.61 6.82
C VAL A 502 27.52 15.35 6.48
N THR A 503 26.51 15.30 7.36
CA THR A 503 25.23 16.04 7.22
C THR A 503 25.05 16.96 8.42
N GLU A 504 24.08 17.87 8.33
CA GLU A 504 23.87 18.96 9.31
C GLU A 504 23.53 18.37 10.68
N ASN A 505 22.65 17.35 10.72
CA ASN A 505 22.16 16.72 11.98
C ASN A 505 21.70 15.29 11.66
N ALA A 506 22.63 14.37 11.37
CA ALA A 506 22.30 12.98 11.01
C ALA A 506 21.46 12.37 12.14
N GLY A 507 20.36 11.70 11.82
CA GLY A 507 19.54 10.98 12.82
C GLY A 507 18.39 11.81 13.37
N SER A 508 18.18 13.04 12.86
CA SER A 508 17.17 14.00 13.37
C SER A 508 15.93 14.01 12.49
N GLY A 509 15.73 13.00 11.63
CA GLY A 509 14.46 12.83 10.93
C GLY A 509 13.33 12.60 11.93
N PRO A 510 12.07 12.83 11.54
CA PRO A 510 10.96 12.64 12.46
C PRO A 510 10.76 11.15 12.83
N SER A 511 10.37 10.91 14.08
CA SER A 511 10.06 9.56 14.63
C SER A 511 8.55 9.34 14.63
N THR A 512 7.78 10.39 14.34
CA THR A 512 6.29 10.37 14.38
C THR A 512 5.74 11.04 13.13
N VAL A 513 4.47 10.73 12.83
CA VAL A 513 3.66 11.34 11.75
C VAL A 513 3.33 12.80 12.13
N ALA A 514 3.04 13.63 11.15
CA ALA A 514 2.63 15.03 11.40
C ALA A 514 1.35 15.02 12.23
N ASP A 515 1.16 16.05 13.07
CA ASP A 515 -0.12 16.29 13.77
C ASP A 515 -1.29 16.29 12.79
N ASP A 516 -1.15 16.82 11.58
CA ASP A 516 -2.27 16.85 10.60
C ASP A 516 -2.31 15.56 9.76
N LYS A 517 -1.43 14.57 10.04
CA LYS A 517 -1.42 13.22 9.40
C LYS A 517 -1.08 13.30 7.90
N GLN A 518 -0.59 14.44 7.38
CA GLN A 518 -0.26 14.55 5.94
C GLN A 518 1.23 14.30 5.75
N ALA A 519 1.63 13.77 4.59
CA ALA A 519 3.05 13.63 4.23
C ALA A 519 3.68 15.03 4.19
N ARG A 520 4.84 15.19 4.78
CA ARG A 520 5.56 16.49 4.78
C ARG A 520 6.27 16.63 3.43
N ARG A 521 5.81 17.57 2.61
CA ARG A 521 6.34 17.74 1.25
C ARG A 521 7.78 18.25 1.29
N HIS A 522 8.54 17.78 0.32
CA HIS A 522 9.99 18.05 0.16
C HIS A 522 10.35 17.94 -1.32
N GLU A 523 9.53 18.51 -2.22
CA GLU A 523 9.71 18.38 -3.70
C GLU A 523 10.10 19.73 -4.30
N ASP A 524 10.07 20.79 -3.50
CA ASP A 524 10.53 22.14 -3.88
C ASP A 524 11.67 22.52 -2.93
N PRO A 525 12.91 22.79 -3.42
CA PRO A 525 14.06 22.90 -2.52
C PRO A 525 14.18 24.29 -1.90
N SER A 526 13.18 25.18 -2.09
CA SER A 526 12.95 26.35 -1.22
C SER A 526 12.29 25.91 0.11
N ALA A 527 11.70 24.71 0.18
CA ALA A 527 11.16 24.13 1.44
C ALA A 527 12.29 24.05 2.51
N GLU A 528 12.03 24.53 3.72
CA GLU A 528 12.65 23.99 4.95
C GLU A 528 11.81 22.78 5.36
N THR A 529 12.44 21.67 5.70
CA THR A 529 11.70 20.39 6.00
C THR A 529 12.25 19.79 7.29
N VAL A 530 11.48 18.90 7.89
CA VAL A 530 11.89 18.07 9.06
C VAL A 530 13.02 17.09 8.68
N PHE A 531 13.37 16.98 7.38
CA PHE A 531 14.44 16.08 6.89
C PHE A 531 15.76 16.81 6.68
N ASP A 532 15.88 18.10 6.99
CA ASP A 532 17.04 18.97 6.60
C ASP A 532 18.31 18.56 7.35
N GLY A 533 18.20 17.85 8.47
CA GLY A 533 19.36 17.26 9.12
C GLY A 533 20.15 16.29 8.22
N TYR A 534 19.60 15.86 7.08
CA TYR A 534 20.33 15.01 6.10
C TYR A 534 20.95 15.85 4.98
N LYS A 535 20.83 17.18 5.04
CA LYS A 535 21.55 18.05 4.07
C LYS A 535 23.04 18.06 4.38
N LEU A 536 23.86 18.05 3.34
CA LEU A 536 25.34 17.96 3.42
C LEU A 536 25.87 19.26 4.04
N VAL A 537 26.90 19.16 4.88
CA VAL A 537 27.54 20.39 5.45
C VAL A 537 28.53 20.93 4.42
N GLN A 538 28.91 22.20 4.58
CA GLN A 538 30.02 22.80 3.81
C GLN A 538 31.22 21.86 3.95
N ASN A 539 31.89 21.56 2.86
CA ASN A 539 33.07 20.65 2.86
C ASN A 539 32.69 19.25 3.36
N SER A 540 31.44 18.82 3.24
CA SER A 540 31.10 17.40 3.55
C SER A 540 31.98 16.54 2.67
N PRO A 541 32.58 15.45 3.19
CA PRO A 541 33.28 14.50 2.33
C PRO A 541 32.38 13.81 1.29
N ALA A 542 31.05 13.88 1.42
CA ALA A 542 30.09 13.41 0.38
C ALA A 542 30.15 14.30 -0.88
N ILE A 543 30.60 15.55 -0.78
CA ILE A 543 30.41 16.55 -1.87
C ILE A 543 31.29 16.15 -3.05
N ASN A 544 30.70 16.10 -4.26
CA ASN A 544 31.43 15.87 -5.53
C ASN A 544 32.16 14.53 -5.56
N ALA A 545 31.77 13.55 -4.72
CA ALA A 545 32.49 12.26 -4.62
C ALA A 545 31.71 11.09 -5.25
N GLY A 546 30.51 11.33 -5.79
CA GLY A 546 29.71 10.28 -6.43
C GLY A 546 30.13 10.06 -7.88
N LYS A 547 29.55 9.06 -8.52
CA LYS A 547 29.74 8.84 -9.97
C LYS A 547 28.43 9.14 -10.70
N ILE A 548 28.53 9.47 -11.99
CA ILE A 548 27.33 9.68 -12.84
C ILE A 548 26.68 8.30 -13.00
N ILE A 549 25.40 8.20 -12.64
CA ILE A 549 24.67 6.91 -12.63
C ILE A 549 24.14 6.66 -14.04
N VAL A 550 24.16 5.42 -14.46
CA VAL A 550 23.35 4.89 -15.59
C VAL A 550 22.25 4.05 -14.97
N ASP A 551 21.00 4.49 -15.02
CA ASP A 551 19.84 3.70 -14.59
C ASP A 551 19.44 2.78 -15.76
N ASN A 552 19.82 1.52 -15.64
CA ASN A 552 19.58 0.45 -16.65
C ASN A 552 18.12 0.00 -16.64
N ASN A 553 17.26 0.53 -15.75
CA ASN A 553 15.81 0.29 -15.83
C ASN A 553 15.14 1.39 -16.65
N GLY A 554 15.87 2.42 -17.07
CA GLY A 554 15.35 3.49 -17.95
C GLY A 554 14.79 4.69 -17.18
N TYR A 555 15.05 4.79 -15.87
CA TYR A 555 14.65 5.99 -15.08
C TYR A 555 15.80 6.98 -15.05
N LYS A 556 15.73 8.01 -15.90
CA LYS A 556 16.75 9.06 -15.95
C LYS A 556 16.80 9.75 -14.57
N VAL A 557 18.01 10.03 -14.08
CA VAL A 557 18.22 10.86 -12.86
C VAL A 557 17.73 12.27 -13.19
N GLU A 558 16.83 12.80 -12.37
CA GLU A 558 16.19 14.13 -12.52
C GLU A 558 16.61 15.02 -11.33
N LYS A 559 16.46 14.51 -10.09
CA LYS A 559 16.55 15.37 -8.89
C LYS A 559 16.86 14.56 -7.63
N ASP A 560 17.16 15.25 -6.54
CA ASP A 560 17.48 14.58 -5.25
C ASP A 560 16.20 14.43 -4.41
N PHE A 561 16.35 14.03 -3.16
CA PHE A 561 15.21 13.81 -2.24
C PHE A 561 14.39 15.10 -2.12
N PHE A 562 15.09 16.22 -2.14
CA PHE A 562 14.61 17.58 -1.73
C PHE A 562 14.12 18.37 -2.94
N GLY A 563 14.31 17.85 -4.17
CA GLY A 563 13.87 18.50 -5.43
C GLY A 563 14.95 19.36 -6.08
N ASN A 564 16.19 19.34 -5.61
CA ASN A 564 17.34 19.92 -6.33
C ASN A 564 17.59 19.14 -7.65
N LYS A 565 17.74 19.87 -8.76
CA LYS A 565 18.10 19.24 -10.06
C LYS A 565 19.48 18.61 -9.91
N VAL A 566 19.66 17.42 -10.48
CA VAL A 566 20.93 16.67 -10.45
C VAL A 566 21.42 16.50 -11.89
N SER A 567 22.64 16.97 -12.12
CA SER A 567 23.31 16.96 -13.44
C SER A 567 24.81 16.89 -13.19
N GLY A 568 25.57 16.21 -14.05
CA GLY A 568 27.03 16.12 -13.89
C GLY A 568 27.38 15.22 -12.71
N ILE A 569 28.56 15.42 -12.14
CA ILE A 569 29.14 14.58 -11.06
C ILE A 569 28.27 14.81 -9.82
N PRO A 570 27.53 13.79 -9.34
CA PRO A 570 26.68 13.98 -8.16
C PRO A 570 27.41 13.85 -6.82
N ASP A 571 26.79 14.36 -5.76
CA ASP A 571 27.20 14.14 -4.36
C ASP A 571 26.80 12.71 -3.97
N ILE A 572 27.41 12.16 -2.94
CA ILE A 572 27.04 10.83 -2.37
C ILE A 572 25.84 11.08 -1.45
N GLY A 573 24.80 10.25 -1.58
CA GLY A 573 23.63 10.29 -0.68
C GLY A 573 22.41 10.94 -1.31
N ALA A 574 21.41 11.17 -0.49
CA ALA A 574 20.07 11.62 -0.90
C ALA A 574 20.00 13.14 -1.16
N HIS A 575 21.01 13.91 -0.77
CA HIS A 575 21.06 15.40 -0.93
C HIS A 575 22.19 15.80 -1.88
N GLU A 576 21.86 16.57 -2.92
CA GLU A 576 22.82 17.25 -3.85
C GLU A 576 23.17 18.67 -3.30
#